data_2F1R
#
_entry.id   2F1R
#
_cell.length_a   37.98
_cell.length_b   63.93
_cell.length_c   66.01
_cell.angle_alpha   90.00
_cell.angle_beta   95.3
_cell.angle_gamma   90.00
#
_symmetry.space_group_name_H-M   'P 1 21 1'
#
loop_
_entity.id
_entity.type
_entity.pdbx_description
1 polymer 'molybdopterin-guanine dinucleotide biosynthesis protein B (mobB)'
2 non-polymer 'CHLORIDE ION'
3 non-polymer 'PRASEODYMIUM ION'
4 water water
#
_entity_poly.entity_id   1
_entity_poly.type   'polypeptide(L)'
_entity_poly.pdbx_seq_one_letter_code
;MSLILSIVGTSDSGKTTLITRMMPILRERGLRVAVVKRHAHGDFEIDKEGKDSWKIYNSGADVVIASPVKLAFIRRVSEE
EGNDLDWIYERYLSDYDLVITEGFSKAGKDRIVVVKKPEEVEHFRQGRILAVVCDERVDGHKWFRRDEVERIAEFILSLL
REGGSHHHHHH
;
_entity_poly.pdbx_strand_id   A,B
#
# COMPACT_ATOMS: atom_id res chain seq x y z
N LEU A 3 2.28 -16.51 -10.28
CA LEU A 3 2.14 -16.27 -11.75
C LEU A 3 1.67 -14.83 -12.09
N ILE A 4 2.46 -14.18 -12.95
CA ILE A 4 2.31 -12.80 -13.34
C ILE A 4 1.96 -12.76 -14.83
N LEU A 5 0.81 -12.15 -15.11
CA LEU A 5 0.30 -11.98 -16.45
C LEU A 5 0.13 -10.50 -16.77
N SER A 6 0.73 -10.05 -17.87
CA SER A 6 0.51 -8.67 -18.31
C SER A 6 -0.65 -8.49 -19.26
N ILE A 7 -1.42 -7.42 -19.06
CA ILE A 7 -2.47 -7.07 -20.00
C ILE A 7 -1.93 -5.83 -20.72
N VAL A 8 -1.56 -6.00 -21.99
CA VAL A 8 -0.91 -4.96 -22.73
C VAL A 8 -1.75 -4.57 -23.95
N GLY A 9 -1.42 -3.41 -24.54
CA GLY A 9 -1.95 -3.07 -25.84
C GLY A 9 -2.21 -1.58 -26.05
N THR A 10 -3.03 -1.27 -27.04
CA THR A 10 -3.16 0.08 -27.54
C THR A 10 -4.29 0.94 -26.95
N SER A 11 -5.21 0.30 -26.24
CA SER A 11 -6.31 1.05 -25.61
C SER A 11 -6.25 1.00 -24.08
N ASP A 12 -5.87 2.13 -23.47
CA ASP A 12 -5.77 2.26 -22.00
C ASP A 12 -7.07 1.82 -21.36
N SER A 13 -8.18 2.27 -21.95
CA SER A 13 -9.51 2.08 -21.39
C SER A 13 -9.95 0.64 -21.55
N GLY A 14 -9.59 0.02 -22.67
CA GLY A 14 -9.96 -1.35 -22.96
C GLY A 14 -9.18 -2.35 -22.14
N LYS A 15 -7.94 -2.02 -21.79
CA LYS A 15 -7.21 -2.86 -20.84
C LYS A 15 -7.94 -2.85 -19.47
N THR A 16 -8.25 -1.64 -18.99
CA THR A 16 -8.81 -1.46 -17.65
C THR A 16 -10.16 -2.11 -17.60
N THR A 17 -10.95 -1.98 -18.68
CA THR A 17 -12.26 -2.62 -18.77
C THR A 17 -12.21 -4.14 -18.78
N LEU A 18 -11.31 -4.73 -19.57
CA LEU A 18 -11.16 -6.16 -19.55
C LEU A 18 -10.84 -6.65 -18.11
N ILE A 19 -9.90 -5.98 -17.42
CA ILE A 19 -9.49 -6.39 -16.03
C ILE A 19 -10.68 -6.40 -15.07
N THR A 20 -11.48 -5.34 -15.11
CA THR A 20 -12.54 -5.19 -14.13
C THR A 20 -13.73 -6.13 -14.42
N ARG A 21 -14.06 -6.31 -15.70
CA ARG A 21 -15.08 -7.29 -16.09
C ARG A 21 -14.64 -8.71 -15.78
N MET A 22 -13.37 -9.04 -15.98
CA MET A 22 -12.94 -10.41 -15.63
C MET A 22 -12.90 -10.66 -14.09
N MET A 23 -12.48 -9.65 -13.34
CA MET A 23 -12.24 -9.77 -11.89
C MET A 23 -13.31 -10.56 -11.08
N PRO A 24 -14.60 -10.17 -11.14
CA PRO A 24 -15.59 -11.01 -10.39
C PRO A 24 -15.55 -12.51 -10.74
N ILE A 25 -15.36 -12.90 -12.00
CA ILE A 25 -15.24 -14.32 -12.33
C ILE A 25 -13.98 -14.96 -11.74
N LEU A 26 -12.83 -14.30 -11.90
CA LEU A 26 -11.58 -14.81 -11.31
C LEU A 26 -11.74 -15.01 -9.79
N ARG A 27 -12.28 -14.01 -9.11
CA ARG A 27 -12.51 -14.04 -7.67
C ARG A 27 -13.54 -15.08 -7.18
N GLU A 28 -14.62 -15.30 -7.93
CA GLU A 28 -15.59 -16.37 -7.58
C GLU A 28 -14.94 -17.76 -7.46
N ARG A 29 -13.82 -17.95 -8.16
CA ARG A 29 -13.01 -19.17 -7.98
C ARG A 29 -12.15 -19.09 -6.75
N GLY A 30 -12.47 -18.19 -5.83
CA GLY A 30 -11.62 -17.96 -4.68
C GLY A 30 -10.15 -17.78 -5.08
N LEU A 31 -9.90 -17.21 -6.25
CA LEU A 31 -8.55 -16.69 -6.46
C LEU A 31 -8.31 -15.34 -5.80
N ARG A 32 -7.22 -15.23 -5.09
CA ARG A 32 -6.67 -13.95 -4.61
C ARG A 32 -5.93 -13.25 -5.75
N VAL A 33 -6.40 -12.07 -6.19
CA VAL A 33 -5.77 -11.37 -7.31
C VAL A 33 -5.21 -9.97 -6.96
N ALA A 34 -4.04 -9.65 -7.50
CA ALA A 34 -3.56 -8.26 -7.40
C ALA A 34 -3.25 -7.72 -8.80
N VAL A 35 -3.54 -6.45 -9.02
CA VAL A 35 -3.22 -5.70 -10.26
C VAL A 35 -2.13 -4.65 -10.02
N VAL A 36 -1.06 -4.71 -10.82
CA VAL A 36 0.02 -3.71 -10.76
C VAL A 36 -0.16 -2.75 -11.95
N LYS A 37 -0.27 -1.45 -11.68
CA LYS A 37 -0.41 -0.46 -12.73
C LYS A 37 0.51 0.71 -12.47
N ARG A 38 0.91 1.37 -13.56
CA ARG A 38 1.53 2.70 -13.57
C ARG A 38 0.42 3.74 -13.60
N LYS A 51 -6.00 15.17 5.02
CA LYS A 51 -4.76 15.56 4.33
C LYS A 51 -3.50 15.24 5.15
N ASP A 52 -3.67 14.61 6.31
CA ASP A 52 -2.56 14.43 7.26
C ASP A 52 -1.55 13.39 6.82
N SER A 53 -2.01 12.33 6.16
CA SER A 53 -1.12 11.25 5.73
C SER A 53 -0.18 11.75 4.64
N TRP A 54 -0.73 12.62 3.79
CA TRP A 54 0.04 13.38 2.83
C TRP A 54 1.14 14.24 3.49
N LYS A 55 0.78 15.00 4.53
CA LYS A 55 1.76 15.75 5.35
C LYS A 55 2.81 14.87 6.00
N ILE A 56 2.38 13.78 6.62
CA ILE A 56 3.33 12.85 7.23
C ILE A 56 4.26 12.27 6.12
N TYR A 57 3.66 11.81 5.02
CA TYR A 57 4.45 11.33 3.92
C TYR A 57 5.53 12.34 3.48
N ASN A 58 5.12 13.58 3.25
CA ASN A 58 6.05 14.67 2.85
C ASN A 58 7.19 14.95 3.82
N SER A 59 6.92 14.77 5.11
CA SER A 59 7.87 15.03 6.16
C SER A 59 8.96 13.96 6.17
N GLY A 60 8.76 12.88 5.42
CA GLY A 60 9.82 11.90 5.34
C GLY A 60 9.51 10.53 5.89
N ALA A 61 8.25 10.29 6.29
CA ALA A 61 7.79 8.95 6.73
C ALA A 61 7.07 8.22 5.62
N ASP A 62 7.30 6.90 5.52
CA ASP A 62 6.39 6.03 4.78
C ASP A 62 5.13 5.84 5.62
N VAL A 63 4.00 5.61 4.95
CA VAL A 63 2.72 5.72 5.63
C VAL A 63 1.84 4.46 5.45
N VAL A 64 1.29 3.95 6.55
CA VAL A 64 0.26 2.89 6.48
C VAL A 64 -1.05 3.46 6.97
N ILE A 65 -2.08 3.40 6.14
CA ILE A 65 -3.41 3.79 6.55
C ILE A 65 -4.19 2.51 6.77
N ALA A 66 -4.56 2.27 8.03
CA ALA A 66 -5.17 1.01 8.45
C ALA A 66 -6.63 1.25 8.78
N SER A 67 -7.45 0.30 8.37
CA SER A 67 -8.87 0.35 8.67
C SER A 67 -9.20 -1.08 8.87
N PRO A 68 -10.45 -1.36 9.36
CA PRO A 68 -10.79 -2.73 9.64
C PRO A 68 -10.79 -3.63 8.43
N VAL A 69 -11.10 -3.15 7.23
CA VAL A 69 -11.09 -4.05 6.10
C VAL A 69 -10.19 -3.67 4.91
N LYS A 70 -9.44 -2.57 5.06
CA LYS A 70 -8.65 -2.05 3.97
C LYS A 70 -7.37 -1.44 4.53
N LEU A 71 -6.27 -1.66 3.86
CA LEU A 71 -4.98 -1.10 4.24
C LEU A 71 -4.26 -0.52 3.02
N ALA A 72 -3.68 0.65 3.16
CA ALA A 72 -2.93 1.33 2.09
C ALA A 72 -1.55 1.55 2.64
N PHE A 73 -0.54 1.11 1.90
CA PHE A 73 0.89 1.34 2.21
C PHE A 73 1.45 2.26 1.11
N ILE A 74 1.94 3.42 1.51
CA ILE A 74 2.50 4.40 0.62
C ILE A 74 3.96 4.60 1.01
N ARG A 75 4.87 4.38 0.07
CA ARG A 75 6.29 4.42 0.39
C ARG A 75 7.25 4.90 -0.72
N ARG A 76 8.28 5.62 -0.33
CA ARG A 76 9.30 6.09 -1.27
C ARG A 76 10.12 4.91 -1.86
N VAL A 77 10.29 4.96 -3.18
CA VAL A 77 11.19 4.02 -3.83
C VAL A 77 12.23 4.76 -4.71
N SER A 78 13.37 4.12 -4.99
CA SER A 78 14.18 4.57 -6.13
C SER A 78 13.44 4.33 -7.47
N GLU A 79 13.80 5.06 -8.53
CA GLU A 79 13.14 4.82 -9.81
C GLU A 79 13.26 3.34 -10.28
N GLU A 80 14.39 2.70 -10.00
CA GLU A 80 14.56 1.35 -10.48
C GLU A 80 13.67 0.36 -9.73
N GLU A 81 13.54 0.54 -8.42
CA GLU A 81 12.61 -0.27 -7.59
C GLU A 81 11.18 -0.18 -8.05
N GLY A 82 10.73 1.00 -8.38
CA GLY A 82 9.33 1.18 -8.79
C GLY A 82 9.06 0.62 -10.17
N ASN A 83 10.11 0.51 -10.99
CA ASN A 83 10.03 -0.03 -12.34
C ASN A 83 10.23 -1.56 -12.37
N ASP A 84 10.51 -2.15 -11.22
CA ASP A 84 10.96 -3.51 -11.16
C ASP A 84 9.86 -4.42 -10.63
N LEU A 85 9.19 -5.12 -11.54
CA LEU A 85 8.10 -5.98 -11.19
C LEU A 85 8.44 -7.11 -10.21
N ASP A 86 9.65 -7.66 -10.30
CA ASP A 86 10.07 -8.73 -9.42
C ASP A 86 10.33 -8.25 -8.01
N TRP A 87 10.89 -7.05 -7.88
CA TRP A 87 11.07 -6.38 -6.60
C TRP A 87 9.70 -6.11 -6.00
N ILE A 88 8.73 -5.68 -6.81
CA ILE A 88 7.38 -5.44 -6.30
C ILE A 88 6.71 -6.75 -5.85
N TYR A 89 6.73 -7.77 -6.71
CA TYR A 89 6.26 -9.13 -6.37
C TYR A 89 6.80 -9.62 -5.02
N GLU A 90 8.12 -9.53 -4.82
CA GLU A 90 8.71 -9.98 -3.53
C GLU A 90 8.23 -9.28 -2.27
N ARG A 91 8.19 -7.95 -2.32
CA ARG A 91 7.81 -7.18 -1.17
C ARG A 91 6.35 -7.33 -0.86
N TYR A 92 5.54 -7.53 -1.89
CA TYR A 92 4.13 -7.24 -1.73
C TYR A 92 3.18 -8.36 -2.12
N LEU A 93 3.59 -9.18 -3.07
CA LEU A 93 2.62 -9.92 -3.86
C LEU A 93 2.81 -11.44 -3.81
N SER A 94 3.71 -11.90 -2.95
CA SER A 94 4.06 -13.32 -2.93
C SER A 94 2.95 -14.30 -2.45
N ASP A 95 1.86 -13.81 -1.87
CA ASP A 95 0.79 -14.72 -1.48
C ASP A 95 -0.44 -14.64 -2.36
N TYR A 96 -0.33 -13.96 -3.51
CA TYR A 96 -1.44 -13.94 -4.43
C TYR A 96 -1.42 -15.15 -5.34
N ASP A 97 -2.59 -15.55 -5.78
CA ASP A 97 -2.65 -16.64 -6.78
C ASP A 97 -2.42 -16.19 -8.23
N LEU A 98 -2.66 -14.91 -8.49
CA LEU A 98 -2.47 -14.33 -9.79
C LEU A 98 -2.12 -12.88 -9.61
N VAL A 99 -1.11 -12.42 -10.36
CA VAL A 99 -0.79 -11.00 -10.45
C VAL A 99 -1.06 -10.57 -11.89
N ILE A 100 -1.93 -9.60 -12.06
CA ILE A 100 -2.10 -8.95 -13.36
C ILE A 100 -1.42 -7.57 -13.39
N THR A 101 -0.71 -7.33 -14.48
CA THR A 101 -0.05 -6.07 -14.80
C THR A 101 -0.83 -5.30 -15.85
N GLU A 102 -1.09 -4.03 -15.67
CA GLU A 102 -1.75 -3.22 -16.69
C GLU A 102 -0.59 -2.48 -17.32
N GLY A 103 -0.21 -2.97 -18.49
CA GLY A 103 1.00 -2.47 -19.12
C GLY A 103 2.21 -3.21 -18.57
N PHE A 104 3.28 -2.43 -18.34
CA PHE A 104 4.62 -3.00 -18.17
C PHE A 104 4.99 -3.96 -19.31
N SER A 105 4.61 -3.63 -20.54
CA SER A 105 4.90 -4.52 -21.66
C SER A 105 6.40 -4.87 -21.81
N LYS A 106 7.25 -3.89 -21.52
CA LYS A 106 8.69 -4.08 -21.75
C LYS A 106 9.39 -4.90 -20.67
N ALA A 107 8.62 -5.34 -19.68
CA ALA A 107 9.17 -6.24 -18.69
C ALA A 107 9.26 -7.69 -19.13
N GLY A 108 8.63 -8.03 -20.28
CA GLY A 108 8.76 -9.36 -20.88
C GLY A 108 7.98 -10.50 -20.25
N LYS A 109 7.05 -10.20 -19.33
CA LYS A 109 6.16 -11.24 -18.80
C LYS A 109 5.24 -11.77 -19.89
N ASP A 110 4.81 -13.04 -19.80
CA ASP A 110 3.74 -13.55 -20.67
C ASP A 110 2.60 -12.51 -20.72
N ARG A 111 1.91 -12.35 -21.85
CA ARG A 111 0.91 -11.28 -22.00
C ARG A 111 -0.30 -11.67 -22.81
N ILE A 112 -1.42 -11.06 -22.44
CA ILE A 112 -2.56 -10.96 -23.31
C ILE A 112 -2.54 -9.61 -23.95
N VAL A 113 -2.65 -9.58 -25.29
CA VAL A 113 -2.48 -8.34 -26.09
C VAL A 113 -3.84 -7.87 -26.54
N VAL A 114 -4.26 -6.67 -26.11
CA VAL A 114 -5.57 -6.12 -26.45
C VAL A 114 -5.41 -4.94 -27.41
N VAL A 115 -5.83 -5.14 -28.65
CA VAL A 115 -5.63 -4.14 -29.69
C VAL A 115 -6.90 -3.89 -30.51
N LYS A 116 -6.94 -2.72 -31.13
CA LYS A 116 -7.96 -2.39 -32.09
C LYS A 116 -7.72 -3.02 -33.48
N LYS A 117 -6.50 -2.93 -33.96
CA LYS A 117 -6.14 -3.40 -35.30
C LYS A 117 -5.18 -4.55 -35.14
N PRO A 118 -5.29 -5.58 -35.98
CA PRO A 118 -4.41 -6.78 -35.85
C PRO A 118 -2.89 -6.49 -35.98
N GLU A 119 -2.50 -5.53 -36.81
CA GLU A 119 -1.09 -5.18 -37.06
C GLU A 119 -0.40 -4.51 -35.85
N GLU A 120 -1.18 -3.96 -34.90
CA GLU A 120 -0.63 -3.46 -33.62
C GLU A 120 -0.01 -4.57 -32.76
N VAL A 121 -0.38 -5.84 -33.02
CA VAL A 121 0.15 -7.00 -32.23
C VAL A 121 1.68 -7.03 -32.26
N GLU A 122 2.26 -6.59 -33.39
CA GLU A 122 3.71 -6.69 -33.63
C GLU A 122 4.53 -5.88 -32.64
N HIS A 123 3.91 -4.94 -31.97
CA HIS A 123 4.59 -4.01 -31.05
C HIS A 123 4.62 -4.50 -29.62
N PHE A 124 4.05 -5.70 -29.39
CA PHE A 124 3.96 -6.30 -28.07
C PHE A 124 4.59 -7.67 -27.96
N ARG A 125 5.66 -7.90 -28.72
CA ARG A 125 6.39 -9.17 -28.72
C ARG A 125 7.54 -9.28 -27.71
N GLN A 126 7.55 -8.46 -26.66
CA GLN A 126 8.65 -8.50 -25.68
C GLN A 126 8.62 -9.72 -24.74
N GLY A 127 7.46 -10.32 -24.59
CA GLY A 127 7.33 -11.60 -23.89
C GLY A 127 6.43 -12.53 -24.68
N ARG A 128 6.12 -13.69 -24.09
CA ARG A 128 5.26 -14.66 -24.76
C ARG A 128 3.79 -14.22 -24.86
N ILE A 129 3.28 -14.21 -26.11
CA ILE A 129 1.89 -13.83 -26.36
C ILE A 129 1.04 -15.07 -26.16
N LEU A 130 0.14 -14.98 -25.19
CA LEU A 130 -0.67 -16.09 -24.82
C LEU A 130 -1.96 -16.03 -25.59
N ALA A 131 -2.42 -14.79 -25.82
CA ALA A 131 -3.64 -14.59 -26.60
C ALA A 131 -3.78 -13.15 -27.01
N VAL A 132 -4.60 -12.93 -28.05
CA VAL A 132 -4.82 -11.60 -28.54
C VAL A 132 -6.30 -11.34 -28.40
N VAL A 133 -6.63 -10.16 -27.87
CA VAL A 133 -8.04 -9.70 -27.80
C VAL A 133 -8.27 -8.59 -28.84
N CYS A 134 -9.16 -8.87 -29.79
CA CYS A 134 -9.36 -7.99 -30.94
C CYS A 134 -10.72 -8.33 -31.56
N ASP A 135 -11.52 -7.32 -31.84
CA ASP A 135 -12.83 -7.57 -32.52
C ASP A 135 -12.75 -8.18 -33.92
N GLU A 136 -11.66 -7.89 -34.59
CA GLU A 136 -11.30 -8.47 -35.87
C GLU A 136 -10.39 -9.68 -35.63
N ARG A 137 -10.67 -10.77 -36.33
CA ARG A 137 -9.81 -11.94 -36.27
C ARG A 137 -8.36 -11.64 -36.52
N VAL A 138 -7.52 -12.27 -35.69
CA VAL A 138 -6.09 -12.13 -35.76
C VAL A 138 -5.49 -13.53 -36.05
N ASP A 139 -4.46 -13.60 -36.90
CA ASP A 139 -3.76 -14.87 -37.22
C ASP A 139 -2.56 -15.13 -36.33
N GLY A 140 -2.32 -16.41 -36.08
CA GLY A 140 -1.05 -16.85 -35.52
C GLY A 140 -1.05 -16.89 -34.02
N HIS A 141 -2.21 -16.61 -33.41
CA HIS A 141 -2.40 -16.56 -31.95
C HIS A 141 -3.78 -16.98 -31.53
N LYS A 142 -3.87 -17.51 -30.31
CA LYS A 142 -5.17 -17.69 -29.66
C LYS A 142 -5.92 -16.35 -29.65
N TRP A 143 -7.19 -16.36 -30.03
CA TRP A 143 -7.89 -15.10 -30.32
C TRP A 143 -9.25 -15.07 -29.66
N PHE A 144 -9.56 -13.96 -29.02
CA PHE A 144 -10.88 -13.67 -28.47
C PHE A 144 -11.30 -12.29 -28.94
N ARG A 145 -12.59 -12.07 -29.03
CA ARG A 145 -13.13 -10.73 -29.20
C ARG A 145 -13.20 -9.99 -27.85
N ARG A 146 -13.24 -8.66 -27.89
CA ARG A 146 -13.30 -7.78 -26.67
C ARG A 146 -14.37 -8.20 -25.65
N ASP A 147 -15.50 -8.67 -26.15
CA ASP A 147 -16.70 -9.00 -25.38
C ASP A 147 -16.68 -10.35 -24.67
N GLU A 148 -15.70 -11.19 -24.96
CA GLU A 148 -15.79 -12.58 -24.54
C GLU A 148 -15.12 -12.77 -23.16
N VAL A 149 -15.56 -11.96 -22.20
CA VAL A 149 -14.83 -11.81 -20.94
C VAL A 149 -14.80 -13.08 -20.15
N GLU A 150 -15.91 -13.82 -20.16
CA GLU A 150 -15.95 -15.13 -19.50
C GLU A 150 -14.98 -16.15 -20.12
N ARG A 151 -14.82 -16.08 -21.46
CA ARG A 151 -13.94 -16.99 -22.17
C ARG A 151 -12.48 -16.62 -21.88
N ILE A 152 -12.21 -15.32 -21.77
CA ILE A 152 -10.84 -14.86 -21.51
C ILE A 152 -10.44 -15.14 -20.07
N ALA A 153 -11.38 -14.90 -19.16
CA ALA A 153 -11.20 -15.23 -17.74
C ALA A 153 -10.93 -16.73 -17.57
N GLU A 154 -11.74 -17.58 -18.22
CA GLU A 154 -11.56 -19.03 -18.15
C GLU A 154 -10.22 -19.46 -18.70
N PHE A 155 -9.78 -18.75 -19.75
CA PHE A 155 -8.50 -19.05 -20.37
C PHE A 155 -7.44 -18.80 -19.34
N ILE A 156 -7.58 -17.70 -18.59
CA ILE A 156 -6.59 -17.36 -17.56
C ILE A 156 -6.68 -18.43 -16.45
N LEU A 157 -7.88 -18.72 -15.96
CA LEU A 157 -8.03 -19.86 -15.00
C LEU A 157 -7.38 -21.15 -15.52
N SER A 158 -7.53 -21.45 -16.80
CA SER A 158 -6.95 -22.69 -17.34
C SER A 158 -5.43 -22.75 -17.25
N LEU A 159 -4.74 -21.63 -17.54
CA LEU A 159 -3.27 -21.58 -17.54
C LEU A 159 -2.71 -21.69 -16.14
N LEU A 160 -3.48 -21.16 -15.18
CA LEU A 160 -3.17 -21.30 -13.75
C LEU A 160 -3.17 -22.78 -13.29
N ARG A 161 -4.11 -23.57 -13.80
CA ARG A 161 -4.24 -24.97 -13.39
C ARG A 161 -3.23 -25.91 -14.04
N GLU A 162 -2.43 -25.41 -14.98
CA GLU A 162 -1.35 -26.19 -15.56
C GLU A 162 -0.07 -25.96 -14.75
N LEU B 3 11.69 -0.56 16.86
CA LEU B 3 10.82 0.04 17.93
C LEU B 3 9.45 0.42 17.41
N ILE B 4 8.38 -0.03 18.05
CA ILE B 4 7.01 0.50 17.78
C ILE B 4 6.54 1.40 18.94
N LEU B 5 6.09 2.60 18.60
CA LEU B 5 5.71 3.60 19.59
C LEU B 5 4.39 4.25 19.16
N SER B 6 3.43 4.39 20.06
CA SER B 6 2.20 5.11 19.72
C SER B 6 2.27 6.55 20.17
N ILE B 7 1.88 7.42 19.31
CA ILE B 7 1.61 8.80 19.70
C ILE B 7 0.09 9.04 19.71
N VAL B 8 -0.44 9.31 20.81
CA VAL B 8 -1.87 9.29 20.90
C VAL B 8 -2.28 10.60 21.56
N GLY B 9 -3.56 10.95 21.50
CA GLY B 9 -4.07 12.06 22.29
C GLY B 9 -5.26 12.68 21.59
N THR B 10 -5.49 13.94 21.89
CA THR B 10 -6.71 14.57 21.44
C THR B 10 -6.66 15.13 20.01
N SER B 11 -7.81 15.30 19.35
CA SER B 11 -7.86 16.03 18.05
C SER B 11 -7.00 17.29 18.12
N SER B 13 -5.14 18.43 15.76
CA SER B 13 -4.06 18.09 14.82
C SER B 13 -2.68 18.23 15.46
N GLY B 14 -2.61 18.16 16.80
CA GLY B 14 -1.37 18.38 17.59
C GLY B 14 -0.40 17.21 17.41
N LYS B 15 -0.99 16.01 17.34
CA LYS B 15 -0.25 14.78 17.08
C LYS B 15 0.49 14.84 15.75
N THR B 16 -0.24 15.21 14.68
CA THR B 16 0.34 15.34 13.33
C THR B 16 1.48 16.34 13.23
N THR B 17 1.25 17.55 13.71
CA THR B 17 2.34 18.55 13.75
C THR B 17 3.58 17.99 14.47
N LEU B 18 3.39 17.29 15.57
CA LEU B 18 4.56 16.81 16.33
C LEU B 18 5.32 15.79 15.46
N ILE B 19 4.60 14.80 14.95
CA ILE B 19 5.21 13.79 14.09
C ILE B 19 5.96 14.41 12.90
N THR B 20 5.30 15.34 12.21
CA THR B 20 5.86 15.88 10.97
C THR B 20 7.04 16.77 11.34
N ARG B 21 6.92 17.49 12.45
CA ARG B 21 8.05 18.36 12.82
C ARG B 21 9.23 17.59 13.35
N MET B 22 9.00 16.49 14.09
CA MET B 22 10.13 15.61 14.54
C MET B 22 10.80 14.83 13.39
N MET B 23 10.06 14.61 12.29
CA MET B 23 10.49 13.66 11.25
C MET B 23 11.84 13.94 10.61
N PRO B 24 12.11 15.20 10.21
CA PRO B 24 13.46 15.56 9.67
C PRO B 24 14.59 15.22 10.63
N ILE B 25 14.40 15.48 11.92
CA ILE B 25 15.40 15.09 12.91
C ILE B 25 15.60 13.58 13.03
N LEU B 26 14.52 12.80 13.08
CA LEU B 26 14.67 11.33 13.18
C LEU B 26 15.39 10.78 11.94
N ARG B 27 15.03 11.31 10.76
CA ARG B 27 15.59 10.82 9.48
C ARG B 27 17.05 11.24 9.29
N GLU B 28 17.38 12.45 9.70
CA GLU B 28 18.77 12.95 9.74
C GLU B 28 19.71 12.04 10.53
N ARG B 29 19.18 11.33 11.53
CA ARG B 29 19.99 10.39 12.30
C ARG B 29 20.13 9.06 11.61
N GLY B 30 19.59 8.96 10.41
CA GLY B 30 19.67 7.75 9.64
C GLY B 30 18.60 6.73 9.95
N LEU B 31 17.48 7.12 10.55
CA LEU B 31 16.37 6.17 10.73
C LEU B 31 15.45 6.08 9.52
N ARG B 32 15.00 4.86 9.23
CA ARG B 32 13.90 4.62 8.31
C ARG B 32 12.65 4.50 9.14
N VAL B 33 11.64 5.33 8.81
CA VAL B 33 10.48 5.48 9.69
C VAL B 33 9.21 5.26 8.92
N ALA B 34 8.30 4.51 9.50
CA ALA B 34 6.94 4.39 8.98
C ALA B 34 5.94 4.91 10.03
N VAL B 35 4.83 5.47 9.59
CA VAL B 35 3.75 5.89 10.45
C VAL B 35 2.48 5.16 10.06
N VAL B 36 1.91 4.47 11.03
CA VAL B 36 0.63 3.79 10.91
C VAL B 36 -0.49 4.64 11.47
N LYS B 37 -1.35 5.13 10.60
CA LYS B 37 -2.56 5.83 11.02
C LYS B 37 -3.78 4.92 10.82
N ARG B 38 -4.43 4.61 11.93
CA ARG B 38 -5.68 3.87 11.90
C ARG B 38 -6.97 4.74 11.70
N HIS B 39 -7.79 4.35 10.73
CA HIS B 39 -9.21 4.75 10.63
C HIS B 39 -10.13 3.60 11.05
N ALA B 40 -10.73 3.72 12.25
CA ALA B 40 -11.47 2.64 12.95
C ALA B 40 -12.75 2.07 12.27
N ASP B 52 -10.87 4.61 -11.02
CA ASP B 52 -9.60 4.49 -11.74
C ASP B 52 -8.86 3.21 -11.24
N SER B 53 -7.93 3.40 -10.32
CA SER B 53 -7.46 2.31 -9.49
C SER B 53 -8.59 1.83 -8.59
N TRP B 54 -9.56 2.73 -8.28
CA TRP B 54 -10.77 2.41 -7.50
C TRP B 54 -11.64 1.44 -8.24
N LYS B 55 -11.78 1.65 -9.54
CA LYS B 55 -12.55 0.73 -10.37
C LYS B 55 -11.95 -0.67 -10.25
N ILE B 56 -10.62 -0.72 -10.26
CA ILE B 56 -9.89 -2.00 -10.17
C ILE B 56 -10.05 -2.62 -8.80
N TYR B 57 -9.72 -1.86 -7.76
CA TYR B 57 -10.00 -2.27 -6.40
C TYR B 57 -11.43 -2.69 -6.21
N ASN B 58 -12.38 -1.87 -6.68
CA ASN B 58 -13.82 -2.15 -6.51
C ASN B 58 -14.25 -3.41 -7.25
N SER B 59 -13.55 -3.78 -8.33
CA SER B 59 -13.88 -5.00 -9.06
C SER B 59 -13.49 -6.25 -8.27
N GLY B 60 -12.66 -6.12 -7.26
CA GLY B 60 -12.22 -7.33 -6.51
C GLY B 60 -10.72 -7.51 -6.35
N ALA B 61 -9.92 -6.61 -6.92
CA ALA B 61 -8.47 -6.86 -6.94
C ALA B 61 -7.82 -5.95 -5.93
N ASP B 62 -6.78 -6.41 -5.27
CA ASP B 62 -5.87 -5.48 -4.53
C ASP B 62 -4.99 -4.79 -5.60
N VAL B 63 -4.48 -3.59 -5.30
CA VAL B 63 -3.79 -2.78 -6.31
C VAL B 63 -2.46 -2.34 -5.80
N VAL B 64 -1.43 -2.47 -6.64
CA VAL B 64 -0.21 -1.66 -6.55
C VAL B 64 -0.23 -0.54 -7.64
N ILE B 65 -0.02 0.69 -7.21
CA ILE B 65 0.25 1.83 -8.12
C ILE B 65 1.70 2.23 -8.01
N ALA B 66 2.44 2.02 -9.10
CA ALA B 66 3.86 2.24 -9.20
C ALA B 66 4.20 3.51 -9.99
N SER B 67 5.09 4.32 -9.42
CA SER B 67 5.55 5.54 -10.04
C SER B 67 7.04 5.64 -9.88
N PRO B 68 7.66 6.64 -10.57
CA PRO B 68 9.11 6.74 -10.48
C PRO B 68 9.61 6.86 -9.04
N VAL B 69 8.92 7.60 -8.15
CA VAL B 69 9.50 7.73 -6.79
C VAL B 69 8.63 7.30 -5.61
N LYS B 70 7.49 6.67 -5.89
CA LYS B 70 6.52 6.40 -4.85
C LYS B 70 5.81 5.09 -5.23
N LEU B 71 5.59 4.24 -4.25
CA LEU B 71 4.74 3.07 -4.49
C LEU B 71 3.56 3.03 -3.53
N ALA B 72 2.35 2.73 -4.07
CA ALA B 72 1.16 2.56 -3.22
C ALA B 72 0.53 1.18 -3.39
N PHE B 73 0.18 0.56 -2.28
CA PHE B 73 -0.37 -0.78 -2.25
C PHE B 73 -1.62 -0.69 -1.42
N ILE B 74 -2.76 -0.99 -2.03
CA ILE B 74 -4.02 -1.04 -1.34
C ILE B 74 -4.58 -2.43 -1.37
N ARG B 75 -4.83 -3.00 -0.20
CA ARG B 75 -5.35 -4.35 -0.10
C ARG B 75 -6.52 -4.53 0.89
N ARG B 76 -7.43 -5.45 0.56
CA ARG B 76 -8.44 -5.94 1.49
C ARG B 76 -7.74 -6.69 2.60
N VAL B 77 -8.24 -6.47 3.82
CA VAL B 77 -7.77 -7.24 4.94
C VAL B 77 -9.01 -7.75 5.71
N SER B 78 -8.86 -8.86 6.41
CA SER B 78 -9.91 -9.25 7.33
C SER B 78 -9.87 -8.31 8.53
N GLU B 79 -10.94 -8.26 9.31
CA GLU B 79 -10.98 -7.48 10.54
C GLU B 79 -9.85 -7.76 11.50
N GLU B 80 -9.59 -9.05 11.62
CA GLU B 80 -8.55 -9.55 12.52
C GLU B 80 -7.18 -9.11 12.05
N GLU B 81 -6.93 -9.08 10.74
CA GLU B 81 -5.64 -8.53 10.23
C GLU B 81 -5.56 -7.02 10.39
N GLY B 82 -6.61 -6.31 9.95
CA GLY B 82 -6.60 -4.84 9.96
C GLY B 82 -6.49 -4.20 11.36
N ASN B 83 -7.03 -4.88 12.37
CA ASN B 83 -6.92 -4.41 13.73
C ASN B 83 -5.72 -4.91 14.49
N ASP B 84 -4.87 -5.69 13.82
CA ASP B 84 -3.71 -6.33 14.42
C ASP B 84 -2.45 -5.55 14.08
N LEU B 85 -2.02 -4.68 14.97
CA LEU B 85 -0.84 -3.94 14.67
C LEU B 85 0.44 -4.81 14.47
N ASP B 86 0.60 -5.89 15.21
CA ASP B 86 1.83 -6.67 15.13
C ASP B 86 1.91 -7.48 13.82
N TRP B 87 0.76 -7.88 13.26
CA TRP B 87 0.67 -8.50 11.95
C TRP B 87 1.13 -7.53 10.85
N ILE B 88 0.58 -6.32 10.88
CA ILE B 88 0.94 -5.27 9.92
C ILE B 88 2.43 -5.04 9.96
N TYR B 89 2.98 -4.91 11.17
CA TYR B 89 4.42 -4.71 11.34
C TYR B 89 5.30 -5.87 10.80
N GLU B 90 4.94 -7.10 11.20
CA GLU B 90 5.70 -8.32 10.77
C GLU B 90 5.62 -8.47 9.25
N ARG B 91 4.45 -8.21 8.69
CA ARG B 91 4.24 -8.42 7.26
C ARG B 91 5.01 -7.39 6.44
N TYR B 92 4.84 -6.09 6.72
CA TYR B 92 5.26 -5.00 5.81
C TYR B 92 6.31 -4.02 6.30
N LEU B 93 6.59 -3.98 7.60
CA LEU B 93 7.39 -2.91 8.16
C LEU B 93 8.62 -3.37 8.92
N SER B 94 9.02 -4.64 8.71
CA SER B 94 10.04 -5.28 9.55
C SER B 94 11.46 -4.66 9.32
N ASP B 95 11.62 -4.04 8.14
CA ASP B 95 12.84 -3.34 7.74
C ASP B 95 13.00 -1.92 8.33
N TYR B 96 11.96 -1.40 8.95
CA TYR B 96 12.00 -0.06 9.56
C TYR B 96 12.67 -0.01 10.91
N ASP B 97 13.40 1.08 11.14
CA ASP B 97 14.02 1.38 12.44
C ASP B 97 12.99 1.74 13.48
N LEU B 98 11.99 2.49 13.05
CA LEU B 98 11.02 3.07 13.95
C LEU B 98 9.67 3.10 13.30
N VAL B 99 8.70 2.53 14.02
CA VAL B 99 7.35 2.56 13.56
C VAL B 99 6.58 3.36 14.61
N ILE B 100 5.87 4.39 14.16
CA ILE B 100 5.09 5.27 15.02
C ILE B 100 3.65 5.09 14.63
N THR B 101 2.79 4.80 15.60
CA THR B 101 1.39 4.91 15.28
C THR B 101 0.85 6.28 15.64
N GLU B 102 -0.09 6.75 14.82
CA GLU B 102 -0.91 7.85 15.16
C GLU B 102 -2.28 7.29 15.59
N GLY B 103 -2.52 7.31 16.90
CA GLY B 103 -3.67 6.66 17.48
C GLY B 103 -3.27 5.19 17.61
N PHE B 104 -4.19 4.24 17.28
CA PHE B 104 -4.03 2.81 17.62
C PHE B 104 -3.79 2.61 19.13
N SER B 105 -4.50 3.38 19.97
CA SER B 105 -4.34 3.31 21.43
C SER B 105 -4.70 1.95 22.03
N LYS B 106 -5.76 1.31 21.52
CA LYS B 106 -6.19 -0.03 22.02
C LYS B 106 -5.15 -1.15 21.85
N ALA B 107 -4.15 -0.92 21.00
CA ALA B 107 -3.07 -1.88 20.80
C ALA B 107 -2.13 -2.00 22.02
N GLY B 108 -2.22 -1.07 22.98
CA GLY B 108 -1.44 -1.14 24.20
C GLY B 108 0.08 -1.03 24.10
N LYS B 109 0.58 -0.50 23.00
CA LYS B 109 2.00 -0.15 22.89
C LYS B 109 2.34 0.99 23.84
N ASP B 110 3.59 1.04 24.28
CA ASP B 110 4.07 2.21 24.99
C ASP B 110 3.68 3.46 24.18
N ARG B 111 3.26 4.51 24.87
CA ARG B 111 2.83 5.68 24.12
C ARG B 111 3.40 7.00 24.67
N ILE B 112 3.50 7.97 23.77
CA ILE B 112 3.53 9.38 24.13
C ILE B 112 2.11 9.97 23.96
N VAL B 113 1.60 10.61 25.00
CA VAL B 113 0.31 11.25 24.98
C VAL B 113 0.39 12.78 24.69
N VAL B 114 -0.32 13.25 23.67
CA VAL B 114 -0.25 14.64 23.26
C VAL B 114 -1.61 15.27 23.48
N VAL B 115 -1.72 16.25 24.40
CA VAL B 115 -3.03 16.76 24.83
C VAL B 115 -3.04 18.27 24.93
N LYS B 116 -4.24 18.83 24.96
CA LYS B 116 -4.42 20.26 25.09
C LYS B 116 -4.48 20.60 26.54
N LYS B 117 -5.24 19.81 27.29
CA LYS B 117 -5.36 20.03 28.73
C LYS B 117 -4.81 18.83 29.48
N PRO B 118 -4.09 19.06 30.58
CA PRO B 118 -3.60 17.95 31.38
C PRO B 118 -4.65 16.89 31.82
N GLU B 119 -5.89 17.29 32.11
CA GLU B 119 -6.94 16.31 32.49
C GLU B 119 -7.25 15.22 31.48
N GLU B 120 -6.79 15.42 30.24
CA GLU B 120 -7.08 14.54 29.11
C GLU B 120 -6.18 13.32 29.12
N VAL B 121 -5.04 13.44 29.80
CA VAL B 121 -4.04 12.37 29.84
C VAL B 121 -4.68 11.06 30.32
N GLU B 122 -5.43 11.16 31.40
CA GLU B 122 -6.24 10.07 31.97
C GLU B 122 -6.97 9.25 30.94
N HIS B 123 -7.44 9.89 29.89
CA HIS B 123 -8.10 9.10 28.86
C HIS B 123 -7.26 7.98 28.19
N PHE B 124 -5.92 8.06 28.23
CA PHE B 124 -5.04 7.26 27.37
C PHE B 124 -4.17 6.20 28.09
N ARG B 125 -4.65 5.68 29.22
CA ARG B 125 -3.93 4.61 29.91
C ARG B 125 -4.25 3.22 29.36
N GLN B 126 -4.09 2.99 28.05
CA GLN B 126 -4.30 1.67 27.42
C GLN B 126 -2.98 0.96 27.23
N GLY B 127 -1.91 1.72 27.48
CA GLY B 127 -0.58 1.14 27.56
C GLY B 127 0.26 2.06 28.44
N ARG B 128 1.55 1.76 28.49
CA ARG B 128 2.49 2.49 29.32
C ARG B 128 2.77 3.91 28.74
N ILE B 129 2.56 4.92 29.58
CA ILE B 129 2.77 6.33 29.18
C ILE B 129 4.21 6.73 29.40
N LEU B 130 4.92 6.85 28.27
CA LEU B 130 6.33 7.21 28.38
C LEU B 130 6.55 8.68 28.65
N ALA B 131 5.69 9.51 28.11
CA ALA B 131 5.77 10.95 28.29
C ALA B 131 4.46 11.63 27.91
N VAL B 132 4.29 12.84 28.34
CA VAL B 132 3.12 13.64 27.96
C VAL B 132 3.62 14.92 27.26
N VAL B 133 2.98 15.29 26.17
CA VAL B 133 3.33 16.54 25.50
C VAL B 133 2.14 17.46 25.69
N CYS B 134 2.35 18.57 26.39
CA CYS B 134 1.30 19.52 26.70
C CYS B 134 1.98 20.88 26.99
N ASP B 135 1.31 21.99 26.67
CA ASP B 135 1.87 23.31 27.04
C ASP B 135 1.73 23.61 28.51
N GLU B 136 0.63 23.19 29.11
CA GLU B 136 0.46 23.37 30.55
C GLU B 136 1.07 22.23 31.30
N ARG B 137 1.56 22.54 32.49
CA ARG B 137 2.07 21.56 33.47
C ARG B 137 1.32 20.22 33.57
N VAL B 138 2.03 19.11 33.36
CA VAL B 138 1.47 17.78 33.58
C VAL B 138 2.27 17.13 34.71
N ASP B 139 1.54 16.73 35.75
CA ASP B 139 2.12 16.13 36.94
C ASP B 139 2.10 14.62 36.81
N GLY B 140 3.11 13.96 37.32
CA GLY B 140 3.04 12.50 37.39
C GLY B 140 3.63 11.78 36.20
N HIS B 141 4.19 12.52 35.26
CA HIS B 141 4.70 11.96 34.01
C HIS B 141 5.90 12.78 33.57
N LYS B 142 6.72 12.26 32.67
CA LYS B 142 7.75 13.07 32.04
C LYS B 142 7.03 14.03 31.11
N TRP B 143 7.36 15.31 31.21
CA TRP B 143 6.51 16.33 30.61
C TRP B 143 7.31 17.22 29.67
N PHE B 144 6.85 17.27 28.40
CA PHE B 144 7.43 18.06 27.32
C PHE B 144 6.37 19.06 26.88
N ARG B 145 6.83 20.23 26.49
CA ARG B 145 5.94 21.30 25.97
C ARG B 145 5.86 21.05 24.45
N ARG B 146 4.71 21.36 23.82
CA ARG B 146 4.47 20.99 22.40
C ARG B 146 5.57 21.32 21.41
N ASP B 147 6.25 22.49 21.59
CA ASP B 147 7.29 22.95 20.63
C ASP B 147 8.69 22.47 20.89
N GLU B 148 8.87 21.59 21.88
CA GLU B 148 10.19 21.00 22.15
C GLU B 148 10.42 19.75 21.29
N VAL B 149 10.29 19.95 19.97
CA VAL B 149 10.33 18.88 18.98
C VAL B 149 11.69 18.18 19.00
N GLU B 150 12.74 18.95 19.16
CA GLU B 150 14.07 18.37 19.18
C GLU B 150 14.32 17.43 20.38
N ARG B 151 13.98 17.89 21.57
CA ARG B 151 14.03 17.12 22.80
C ARG B 151 13.12 15.88 22.77
N ILE B 152 11.90 16.01 22.25
CA ILE B 152 11.03 14.84 22.12
C ILE B 152 11.62 13.80 21.12
N ALA B 153 12.11 14.28 19.98
CA ALA B 153 12.83 13.40 19.03
C ALA B 153 14.03 12.72 19.71
N GLU B 154 14.79 13.49 20.49
CA GLU B 154 15.96 12.95 21.15
C GLU B 154 15.52 11.91 22.14
N PHE B 155 14.42 12.15 22.85
CA PHE B 155 13.84 11.17 23.75
C PHE B 155 13.51 9.84 23.04
N ILE B 156 12.80 9.93 21.91
CA ILE B 156 12.49 8.76 21.08
C ILE B 156 13.79 8.06 20.62
N LEU B 157 14.81 8.81 20.20
CA LEU B 157 16.07 8.22 19.78
C LEU B 157 16.77 7.44 20.89
N SER B 158 16.64 7.91 22.12
CA SER B 158 17.13 7.24 23.31
C SER B 158 16.46 5.91 23.58
N LEU B 159 15.16 5.84 23.31
CA LEU B 159 14.41 4.59 23.39
C LEU B 159 14.90 3.52 22.37
N LEU B 160 15.38 4.01 21.22
CA LEU B 160 16.17 3.34 20.13
C LEU B 160 15.55 3.32 18.69
#